data_4C1G
#
_entry.id   4C1G
#
_cell.length_a   50.220
_cell.length_b   54.570
_cell.length_c   194.590
_cell.angle_alpha   90.00
_cell.angle_beta   90.00
_cell.angle_gamma   90.00
#
_symmetry.space_group_name_H-M   'P 21 21 21'
#
loop_
_entity.id
_entity.type
_entity.pdbx_description
1 polymer 'BETA-LACTAMASE IMP-1'
2 non-polymer 'ZINC ION'
3 non-polymer '1-(3-MERCAPTO-2-METHYL-PROPIONYL)-PYRROLIDINE-2-CARBOXYLIC ACID'
4 non-polymer 'SULFATE ION'
5 water water
#
_entity_poly.entity_id   1
_entity_poly.type   'polypeptide(L)'
_entity_poly.pdbx_seq_one_letter_code
;AESLPDLKIEKLDEGVYVHTSFEEVNGWGVVPKHGLVVLVNAEAYLIDTPFTAKDTEKLVTWFVERGYKIKGSISSHFHS
DSTGGIEWLNSRSIPTYASELTNELLKKDGKVQATNSFSGVNYWLVKNKIEVFYPGPGHTPDNVVVWLPERKILFGGCFI
KPYGLGNLGDANIEAWPKSAKLLKSKYGKAKLVVPSHSEVGDASLLKLTLEQAVKGLNESKKPSKPSN
;
_entity_poly.pdbx_strand_id   A,B
#
loop_
_chem_comp.id
_chem_comp.type
_chem_comp.name
_chem_comp.formula
MCO non-polymer '1-(3-MERCAPTO-2-METHYL-PROPIONYL)-PYRROLIDINE-2-CARBOXYLIC ACID' 'C9 H15 N O3 S'
SO4 non-polymer 'SULFATE ION' 'O4 S -2'
ZN non-polymer 'ZINC ION' 'Zn 2'
#
# COMPACT_ATOMS: atom_id res chain seq x y z
N SER A 3 10.55 6.31 -12.83
CA SER A 3 10.36 7.60 -12.15
C SER A 3 9.08 7.57 -11.31
N LEU A 4 9.05 8.40 -10.27
CA LEU A 4 7.89 8.52 -9.38
C LEU A 4 6.86 9.45 -9.98
N PRO A 5 5.57 9.26 -9.67
CA PRO A 5 4.65 10.28 -10.18
C PRO A 5 4.92 11.65 -9.51
N ASP A 6 4.49 12.72 -10.15
CA ASP A 6 4.62 14.04 -9.58
C ASP A 6 3.60 14.26 -8.44
N LEU A 7 3.96 15.15 -7.54
CA LEU A 7 2.92 15.75 -6.62
C LEU A 7 1.58 16.08 -7.28
N LYS A 8 0.49 15.61 -6.65
CA LYS A 8 -0.84 15.89 -7.14
C LYS A 8 -1.57 16.74 -6.09
N ILE A 9 -2.39 17.67 -6.55
CA ILE A 9 -3.21 18.53 -5.68
C ILE A 9 -4.58 18.59 -6.28
N GLU A 10 -5.60 18.16 -5.54
CA GLU A 10 -6.96 18.01 -6.08
C GLU A 10 -7.99 18.44 -5.07
N LYS A 11 -9.05 19.08 -5.55
CA LYS A 11 -10.04 19.57 -4.65
C LYS A 11 -10.87 18.41 -4.14
N LEU A 12 -11.13 18.46 -2.86
CA LEU A 12 -11.97 17.46 -2.23
C LEU A 12 -13.36 17.99 -1.82
N ASP A 13 -13.39 19.21 -1.37
CA ASP A 13 -14.63 19.84 -0.81
C ASP A 13 -14.37 21.32 -0.82
N GLU A 14 -15.43 22.11 -0.57
CA GLU A 14 -15.21 23.59 -0.55
C GLU A 14 -14.19 23.91 0.57
N GLY A 15 -13.08 24.51 0.18
CA GLY A 15 -12.05 24.83 1.13
C GLY A 15 -11.08 23.73 1.52
N VAL A 16 -11.14 22.57 0.89
CA VAL A 16 -10.27 21.45 1.27
C VAL A 16 -9.71 20.73 0.03
N TYR A 17 -8.39 20.61 -0.01
CA TYR A 17 -7.67 19.98 -1.08
C TYR A 17 -6.86 18.81 -0.53
N VAL A 18 -6.68 17.79 -1.35
CA VAL A 18 -5.84 16.64 -0.99
C VAL A 18 -4.56 16.75 -1.79
N HIS A 19 -3.48 16.65 -1.10
CA HIS A 19 -2.16 16.59 -1.76
C HIS A 19 -1.64 15.15 -1.65
N THR A 20 -1.15 14.61 -2.76
CA THR A 20 -0.60 13.27 -2.80
C THR A 20 0.83 13.33 -3.34
N SER A 21 1.69 12.76 -2.55
CA SER A 21 3.13 12.63 -2.87
C SER A 21 3.48 11.16 -2.88
N PHE A 22 4.65 10.88 -3.43
CA PHE A 22 5.06 9.51 -3.65
C PHE A 22 6.51 9.30 -3.28
N GLU A 23 6.78 8.15 -2.67
CA GLU A 23 8.12 7.80 -2.30
C GLU A 23 8.39 6.32 -2.48
N GLU A 24 9.59 5.96 -2.96
CA GLU A 24 10.05 4.55 -2.88
C GLU A 24 10.50 4.21 -1.45
N VAL A 25 9.81 3.29 -0.79
CA VAL A 25 10.10 2.95 0.61
C VAL A 25 10.74 1.57 0.71
N ASN A 26 11.96 1.54 1.26
CA ASN A 26 12.71 0.27 1.39
C ASN A 26 11.86 -0.75 2.05
N GLY A 27 11.63 -1.84 1.33
CA GLY A 27 10.84 -2.94 1.81
C GLY A 27 9.35 -2.86 1.55
N TRP A 28 8.89 -1.73 1.03
CA TRP A 28 7.47 -1.56 0.82
C TRP A 28 7.09 -1.15 -0.58
N GLY A 29 8.08 -0.72 -1.35
CA GLY A 29 7.81 -0.26 -2.71
C GLY A 29 7.39 1.21 -2.80
N VAL A 30 6.72 1.56 -3.90
CA VAL A 30 6.27 2.92 -4.05
C VAL A 30 5.05 3.12 -3.17
N VAL A 31 5.10 4.15 -2.34
CA VAL A 31 4.02 4.41 -1.42
C VAL A 31 3.44 5.78 -1.70
N PRO A 32 2.14 5.85 -1.96
CA PRO A 32 1.44 7.12 -2.03
C PRO A 32 1.15 7.63 -0.62
N LYS A 33 1.24 8.94 -0.44
CA LYS A 33 0.91 9.61 0.79
C LYS A 33 -0.05 10.76 0.54
N HIS A 34 -1.23 10.70 1.15
CA HIS A 34 -2.17 11.79 1.10
C HIS A 34 -2.07 12.67 2.31
N GLY A 35 -2.15 13.97 2.09
CA GLY A 35 -2.42 14.91 3.14
C GLY A 35 -3.48 15.95 2.67
N LEU A 36 -3.75 17.01 3.46
CA LEU A 36 -4.76 17.97 3.08
C LEU A 36 -4.13 19.35 3.07
N VAL A 37 -4.75 20.26 2.35
CA VAL A 37 -4.60 21.66 2.57
C VAL A 37 -5.98 22.27 2.83
N VAL A 38 -6.08 23.01 3.93
CA VAL A 38 -7.34 23.62 4.36
C VAL A 38 -7.30 25.12 4.23
N LEU A 39 -8.30 25.70 3.57
CA LEU A 39 -8.32 27.12 3.34
C LEU A 39 -9.33 27.82 4.26
N VAL A 40 -8.86 28.87 4.92
CA VAL A 40 -9.70 29.74 5.71
C VAL A 40 -9.47 31.14 5.20
N ASN A 41 -10.46 31.71 4.52
CA ASN A 41 -10.28 33.01 3.91
C ASN A 41 -9.07 32.94 2.99
N ALA A 42 -8.11 33.84 3.18
CA ALA A 42 -6.93 33.93 2.33
C ALA A 42 -5.74 33.16 2.92
N GLU A 43 -5.99 32.35 3.93
CA GLU A 43 -4.95 31.62 4.62
C GLU A 43 -5.05 30.14 4.33
N ALA A 44 -3.90 29.46 4.27
CA ALA A 44 -3.85 28.06 4.07
C ALA A 44 -3.13 27.36 5.19
N TYR A 45 -3.69 26.18 5.55
CA TYR A 45 -3.08 25.27 6.56
C TYR A 45 -2.74 23.92 5.97
N LEU A 46 -1.51 23.47 6.16
CA LEU A 46 -1.09 22.17 5.67
C LEU A 46 -1.39 21.10 6.70
N ILE A 47 -2.06 20.03 6.28
CA ILE A 47 -2.29 18.90 7.16
C ILE A 47 -1.35 17.80 6.67
N ASP A 48 -0.22 17.70 7.35
CA ASP A 48 0.87 16.78 7.02
C ASP A 48 1.70 17.44 5.92
N THR A 49 2.99 17.13 5.88
CA THR A 49 3.85 17.62 4.83
C THR A 49 4.19 16.46 3.95
N PRO A 50 4.52 16.73 2.70
CA PRO A 50 4.98 15.65 1.82
C PRO A 50 6.30 15.08 2.34
N PHE A 51 6.76 13.96 1.77
CA PHE A 51 7.95 13.28 2.26
C PHE A 51 9.16 14.20 2.23
N THR A 52 9.26 15.01 1.18
CA THR A 52 10.48 15.78 0.94
C THR A 52 10.29 17.28 1.00
N ALA A 53 11.41 17.98 1.23
CA ALA A 53 11.40 19.42 1.23
C ALA A 53 11.03 19.91 -0.17
N LYS A 54 11.61 19.28 -1.19
CA LYS A 54 11.20 19.65 -2.53
C LYS A 54 9.66 19.69 -2.84
N ASP A 55 8.96 18.63 -2.51
CA ASP A 55 7.51 18.58 -2.65
C ASP A 55 6.81 19.52 -1.68
N THR A 56 7.36 19.79 -0.50
CA THR A 56 6.76 20.74 0.40
C THR A 56 6.80 22.14 -0.17
N GLU A 57 7.93 22.45 -0.83
CA GLU A 57 8.03 23.73 -1.44
C GLU A 57 7.10 23.84 -2.62
N LYS A 58 6.99 22.78 -3.41
CA LYS A 58 6.06 22.78 -4.56
C LYS A 58 4.60 23.04 -4.12
N LEU A 59 4.25 22.35 -3.04
CA LEU A 59 2.92 22.47 -2.47
C LEU A 59 2.64 23.88 -1.97
N VAL A 60 3.61 24.44 -1.25
CA VAL A 60 3.45 25.77 -0.73
C VAL A 60 3.35 26.79 -1.84
N THR A 61 4.19 26.61 -2.85
CA THR A 61 4.24 27.53 -3.98
C THR A 61 2.91 27.52 -4.74
N TRP A 62 2.30 26.35 -4.83
CA TRP A 62 1.06 26.21 -5.58
C TRP A 62 -0.01 27.09 -4.98
N PHE A 63 -0.12 27.04 -3.66
CA PHE A 63 -1.05 27.93 -2.94
C PHE A 63 -0.66 29.42 -2.91
N VAL A 64 0.63 29.71 -2.77
CA VAL A 64 1.08 31.10 -2.74
C VAL A 64 0.79 31.77 -4.07
N GLU A 65 0.98 31.03 -5.15
CA GLU A 65 0.61 31.49 -6.50
C GLU A 65 -0.87 31.83 -6.62
N ARG A 66 -1.70 31.14 -5.86
CA ARG A 66 -3.12 31.38 -5.93
C ARG A 66 -3.57 32.33 -4.84
N GLY A 67 -2.64 33.10 -4.31
CA GLY A 67 -2.93 34.20 -3.41
C GLY A 67 -3.04 33.91 -1.93
N TYR A 68 -2.83 32.66 -1.54
CA TYR A 68 -2.89 32.29 -0.14
C TYR A 68 -1.59 32.52 0.64
N LYS A 69 -1.73 32.79 1.93
CA LYS A 69 -0.58 32.83 2.83
C LYS A 69 -0.61 31.56 3.64
N ILE A 70 0.55 30.93 3.80
CA ILE A 70 0.64 29.68 4.54
C ILE A 70 0.79 30.02 6.02
N LYS A 71 -0.33 29.92 6.73
CA LYS A 71 -0.41 30.17 8.16
C LYS A 71 0.25 29.15 9.10
N GLY A 72 0.10 27.88 8.77
CA GLY A 72 0.57 26.79 9.62
C GLY A 72 0.67 25.46 8.89
N SER A 73 1.42 24.58 9.54
N SER A 73 1.44 24.55 9.49
CA SER A 73 1.41 23.17 9.21
CA SER A 73 1.30 23.13 9.17
C SER A 73 1.19 22.34 10.46
C SER A 73 1.15 22.32 10.45
N ILE A 74 0.37 21.29 10.36
CA ILE A 74 0.30 20.31 11.44
C ILE A 74 0.69 18.91 10.95
N SER A 75 1.51 18.21 11.73
CA SER A 75 1.91 16.87 11.36
C SER A 75 1.19 15.83 12.22
N SER A 76 0.59 14.85 11.56
CA SER A 76 -0.18 13.80 12.22
C SER A 76 0.62 12.82 13.09
N HIS A 77 1.86 12.54 12.71
CA HIS A 77 2.73 11.65 13.47
C HIS A 77 4.17 11.83 13.07
N PHE A 78 5.09 11.16 13.75
CA PHE A 78 6.51 11.47 13.60
C PHE A 78 7.20 10.95 12.34
N HIS A 79 6.68 9.90 11.73
CA HIS A 79 7.31 9.38 10.54
C HIS A 79 7.49 10.45 9.50
N SER A 80 8.40 10.22 8.59
N SER A 80 8.38 10.17 8.54
CA SER A 80 8.85 11.24 7.67
CA SER A 80 8.85 11.16 7.58
C SER A 80 7.75 11.60 6.65
C SER A 80 7.71 11.59 6.66
N ASP A 81 6.80 10.67 6.47
CA ASP A 81 5.84 11.03 5.43
C ASP A 81 4.79 12.03 5.91
N SER A 82 4.83 12.35 7.19
CA SER A 82 4.01 13.44 7.72
C SER A 82 4.83 14.68 8.09
N THR A 83 6.15 14.53 8.15
CA THR A 83 7.00 15.55 8.81
C THR A 83 8.23 15.96 8.01
N GLY A 84 8.38 15.36 6.86
CA GLY A 84 9.61 15.59 6.09
C GLY A 84 9.84 17.02 5.71
N GLY A 85 8.78 17.84 5.53
CA GLY A 85 8.93 19.24 5.21
C GLY A 85 9.05 20.21 6.40
N ILE A 86 9.01 19.72 7.68
CA ILE A 86 9.17 20.60 8.78
C ILE A 86 10.43 21.53 8.79
N GLU A 87 11.59 20.94 8.54
N GLU A 87 11.60 20.94 8.55
CA GLU A 87 12.84 21.66 8.47
CA GLU A 87 12.84 21.66 8.45
C GLU A 87 12.75 22.80 7.44
C GLU A 87 12.72 22.83 7.47
N TRP A 88 12.11 22.55 6.32
CA TRP A 88 12.06 23.56 5.28
C TRP A 88 11.09 24.64 5.70
N LEU A 89 9.93 24.25 6.20
CA LEU A 89 8.95 25.24 6.63
C LEU A 89 9.52 26.12 7.76
N ASN A 90 10.22 25.51 8.70
CA ASN A 90 10.79 26.26 9.80
C ASN A 90 11.81 27.28 9.29
N SER A 91 12.57 26.89 8.27
CA SER A 91 13.59 27.76 7.69
C SER A 91 12.97 29.02 7.06
N ARG A 92 11.71 28.91 6.66
CA ARG A 92 10.97 29.98 6.04
C ARG A 92 10.05 30.70 7.03
N SER A 93 10.17 30.34 8.28
CA SER A 93 9.42 30.96 9.35
C SER A 93 7.91 30.69 9.19
N ILE A 94 7.58 29.56 8.63
CA ILE A 94 6.15 29.15 8.57
C ILE A 94 5.89 28.32 9.82
N PRO A 95 4.91 28.72 10.65
CA PRO A 95 4.67 27.96 11.89
C PRO A 95 4.30 26.49 11.66
N THR A 96 4.91 25.63 12.44
CA THR A 96 4.75 24.22 12.37
C THR A 96 4.27 23.75 13.73
N TYR A 97 3.36 22.78 13.70
CA TYR A 97 2.74 22.23 14.91
C TYR A 97 2.81 20.71 14.93
N ALA A 98 3.03 20.17 16.12
CA ALA A 98 2.95 18.73 16.34
C ALA A 98 2.66 18.47 17.82
N SER A 99 2.19 17.28 18.13
CA SER A 99 1.91 16.94 19.51
C SER A 99 3.22 16.76 20.26
N GLU A 100 3.17 16.96 21.57
CA GLU A 100 4.37 16.79 22.38
CA GLU A 100 4.38 16.83 22.37
C GLU A 100 5.05 15.47 22.17
N LEU A 101 4.23 14.43 22.08
CA LEU A 101 4.76 13.08 21.87
C LEU A 101 5.44 12.96 20.52
N THR A 102 4.83 13.58 19.52
CA THR A 102 5.45 13.60 18.22
C THR A 102 6.81 14.27 18.25
N ASN A 103 6.89 15.41 18.93
CA ASN A 103 8.17 16.14 18.96
C ASN A 103 9.24 15.32 19.69
N GLU A 104 8.80 14.60 20.69
CA GLU A 104 9.76 13.80 21.40
C GLU A 104 10.28 12.68 20.53
N LEU A 105 9.41 12.07 19.72
CA LEU A 105 9.85 11.00 18.83
C LEU A 105 10.69 11.53 17.67
N LEU A 106 10.37 12.72 17.22
CA LEU A 106 11.20 13.34 16.21
C LEU A 106 12.61 13.54 16.78
N LYS A 107 12.68 14.10 17.96
CA LYS A 107 13.95 14.30 18.62
C LYS A 107 14.74 13.00 18.71
N LYS A 108 14.12 11.94 19.17
CA LYS A 108 14.82 10.70 19.33
C LYS A 108 15.25 10.07 18.01
N ASP A 109 14.55 10.40 16.94
CA ASP A 109 14.77 9.89 15.58
C ASP A 109 15.77 10.77 14.81
N GLY A 110 16.31 11.81 15.45
CA GLY A 110 17.30 12.70 14.85
C GLY A 110 16.73 13.71 13.86
N LYS A 111 15.49 14.13 14.08
CA LYS A 111 14.76 14.98 13.13
C LYS A 111 14.36 16.29 13.75
N VAL A 112 14.19 17.30 12.89
CA VAL A 112 13.79 18.62 13.33
C VAL A 112 12.37 18.60 13.86
N GLN A 113 12.19 19.21 15.01
CA GLN A 113 10.89 19.27 15.67
C GLN A 113 10.03 20.42 15.18
N ALA A 114 8.72 20.29 15.34
CA ALA A 114 7.79 21.36 15.07
C ALA A 114 8.02 22.49 16.06
N THR A 115 7.81 23.72 15.62
CA THR A 115 8.02 24.90 16.43
C THR A 115 7.11 24.98 17.63
N ASN A 116 5.86 24.55 17.41
CA ASN A 116 4.82 24.64 18.42
C ASN A 116 4.26 23.28 18.74
N SER A 117 3.99 23.02 20.00
CA SER A 117 3.42 21.73 20.32
C SER A 117 2.28 21.87 21.30
N PHE A 118 1.59 20.76 21.45
CA PHE A 118 0.42 20.68 22.29
C PHE A 118 0.37 19.31 22.91
N SER A 119 -0.30 19.22 24.05
CA SER A 119 -0.49 17.96 24.73
C SER A 119 -1.98 17.83 24.97
N GLY A 120 -2.41 16.65 25.37
CA GLY A 120 -3.80 16.44 25.63
C GLY A 120 -4.53 15.93 24.41
N VAL A 121 -5.84 15.77 24.57
CA VAL A 121 -6.63 15.00 23.62
C VAL A 121 -7.20 15.80 22.47
N ASN A 122 -7.62 17.02 22.77
CA ASN A 122 -8.23 17.90 21.76
C ASN A 122 -7.34 19.17 21.67
N TYR A 123 -7.05 19.64 20.50
CA TYR A 123 -6.37 20.91 20.29
C TYR A 123 -6.96 21.60 19.04
N TRP A 124 -7.40 22.81 19.26
CA TRP A 124 -7.90 23.63 18.13
C TRP A 124 -6.81 24.46 17.45
N LEU A 125 -6.35 23.96 16.32
CA LEU A 125 -5.45 24.71 15.49
C LEU A 125 -6.09 26.03 15.03
N VAL A 126 -7.33 25.95 14.54
CA VAL A 126 -8.16 27.10 14.19
C VAL A 126 -9.54 26.88 14.85
N LYS A 127 -9.91 27.84 15.68
CA LYS A 127 -11.12 27.74 16.47
C LYS A 127 -12.29 27.47 15.56
N ASN A 128 -12.97 26.35 15.82
CA ASN A 128 -14.22 26.00 15.16
C ASN A 128 -14.02 25.47 13.75
N LYS A 129 -12.77 25.37 13.31
CA LYS A 129 -12.50 24.97 11.94
C LYS A 129 -11.54 23.79 11.77
N ILE A 130 -10.46 23.79 12.53
CA ILE A 130 -9.54 22.67 12.48
C ILE A 130 -9.21 22.17 13.88
N GLU A 131 -9.57 20.92 14.15
CA GLU A 131 -9.37 20.32 15.47
C GLU A 131 -8.43 19.11 15.37
N VAL A 132 -7.46 19.00 16.28
CA VAL A 132 -6.60 17.87 16.32
C VAL A 132 -7.05 16.96 17.49
N PHE A 133 -7.20 15.67 17.21
CA PHE A 133 -7.70 14.73 18.23
C PHE A 133 -6.69 13.59 18.36
N TYR A 134 -6.38 13.21 19.61
CA TYR A 134 -5.53 12.06 19.89
C TYR A 134 -6.33 10.89 20.41
N PRO A 135 -6.46 9.84 19.61
CA PRO A 135 -7.24 8.69 20.03
C PRO A 135 -6.52 7.69 20.90
N GLY A 136 -5.21 7.84 21.04
CA GLY A 136 -4.38 6.89 21.75
C GLY A 136 -3.40 6.24 20.80
N PRO A 137 -2.44 5.51 21.34
CA PRO A 137 -1.44 4.83 20.52
C PRO A 137 -2.07 3.85 19.54
N GLY A 138 -1.43 3.68 18.39
CA GLY A 138 -1.88 2.73 17.39
C GLY A 138 -0.76 2.42 16.42
N HIS A 139 -0.81 3.06 15.25
CA HIS A 139 0.24 2.96 14.26
C HIS A 139 1.56 3.37 14.85
N THR A 140 1.53 4.44 15.62
CA THR A 140 2.68 4.89 16.39
C THR A 140 2.17 5.37 17.73
N PRO A 141 3.06 5.65 18.68
CA PRO A 141 2.61 6.06 20.01
C PRO A 141 1.89 7.41 20.01
N ASP A 142 2.20 8.22 19.01
CA ASP A 142 1.83 9.62 18.99
C ASP A 142 0.74 10.00 17.99
N ASN A 143 0.33 9.07 17.14
CA ASN A 143 -0.58 9.44 16.04
C ASN A 143 -1.80 10.25 16.45
N VAL A 144 -2.09 11.31 15.70
CA VAL A 144 -3.31 12.10 15.93
C VAL A 144 -4.07 12.19 14.61
N VAL A 145 -5.34 12.60 14.70
CA VAL A 145 -6.14 12.85 13.54
C VAL A 145 -6.56 14.29 13.50
N VAL A 146 -7.03 14.72 12.33
CA VAL A 146 -7.48 16.10 12.15
C VAL A 146 -8.92 16.13 11.65
N TRP A 147 -9.75 16.92 12.32
CA TRP A 147 -11.18 16.96 12.07
C TRP A 147 -11.58 18.32 11.59
N LEU A 148 -12.33 18.37 10.49
CA LEU A 148 -12.85 19.63 10.01
C LEU A 148 -14.34 19.60 10.25
N PRO A 149 -14.79 20.27 11.29
CA PRO A 149 -16.24 20.16 11.62
C PRO A 149 -17.19 20.80 10.64
N GLU A 150 -16.73 21.80 9.90
CA GLU A 150 -17.56 22.47 8.92
C GLU A 150 -17.89 21.56 7.74
N ARG A 151 -17.09 20.51 7.58
CA ARG A 151 -17.24 19.58 6.45
C ARG A 151 -17.44 18.15 6.85
N LYS A 152 -17.40 17.90 8.16
CA LYS A 152 -17.34 16.55 8.64
C LYS A 152 -16.33 15.65 7.91
N ILE A 153 -15.10 16.17 7.74
CA ILE A 153 -14.04 15.44 7.13
C ILE A 153 -12.99 15.14 8.20
N LEU A 154 -12.65 13.85 8.28
CA LEU A 154 -11.63 13.34 9.20
C LEU A 154 -10.40 12.95 8.37
N PHE A 155 -9.31 13.63 8.63
CA PHE A 155 -8.00 13.19 8.13
C PHE A 155 -7.44 12.18 9.16
N GLY A 156 -7.50 10.89 8.83
CA GLY A 156 -7.10 9.86 9.74
C GLY A 156 -5.62 9.54 9.73
N GLY A 157 -4.94 10.04 8.72
CA GLY A 157 -3.53 9.77 8.57
C GLY A 157 -3.21 8.27 8.48
N CYS A 158 -2.08 7.91 9.05
CA CYS A 158 -1.55 6.60 8.99
C CYS A 158 -2.15 5.63 10.01
N PHE A 159 -3.07 6.13 10.84
CA PHE A 159 -3.79 5.31 11.76
C PHE A 159 -4.86 4.52 11.04
N ILE A 160 -5.37 5.04 9.91
CA ILE A 160 -6.52 4.42 9.22
C ILE A 160 -5.95 3.38 8.27
N LYS A 161 -6.25 2.12 8.53
CA LYS A 161 -5.62 1.01 7.82
C LYS A 161 -6.68 -0.03 7.50
N PRO A 162 -7.47 0.24 6.48
CA PRO A 162 -8.63 -0.63 6.17
C PRO A 162 -8.33 -2.00 5.63
N TYR A 163 -7.14 -2.24 5.09
CA TYR A 163 -6.83 -3.51 4.43
C TYR A 163 -5.78 -4.32 5.09
N GLY A 164 -5.22 -3.82 6.17
CA GLY A 164 -4.04 -4.40 6.79
C GLY A 164 -3.22 -3.30 7.47
N LEU A 165 -2.52 -3.61 8.56
CA LEU A 165 -1.90 -2.58 9.38
C LEU A 165 -0.61 -2.00 8.86
N GLY A 166 0.01 -2.65 7.88
CA GLY A 166 1.31 -2.15 7.42
C GLY A 166 2.46 -2.36 8.41
N ASN A 167 3.44 -1.45 8.37
CA ASN A 167 4.64 -1.64 9.18
C ASN A 167 4.36 -1.40 10.63
N LEU A 168 4.61 -2.42 11.46
CA LEU A 168 4.27 -2.39 12.88
C LEU A 168 5.51 -2.03 13.69
N GLY A 169 6.57 -1.60 13.02
CA GLY A 169 7.84 -1.33 13.73
C GLY A 169 7.66 -0.39 14.96
N ASP A 170 6.82 0.63 14.85
CA ASP A 170 6.63 1.58 15.91
C ASP A 170 5.23 1.47 16.55
N ALA A 171 4.48 0.43 16.21
CA ALA A 171 3.10 0.33 16.62
C ALA A 171 2.93 -0.20 18.04
N ASN A 172 1.73 0.10 18.55
CA ASN A 172 1.28 -0.40 19.83
C ASN A 172 0.06 -1.30 19.59
N ILE A 173 0.31 -2.57 19.35
CA ILE A 173 -0.71 -3.51 18.92
C ILE A 173 -1.71 -3.77 20.04
N GLU A 174 -1.28 -3.65 21.28
CA GLU A 174 -2.21 -3.82 22.36
C GLU A 174 -3.18 -2.65 22.49
N ALA A 175 -2.71 -1.45 22.21
CA ALA A 175 -3.54 -0.27 22.33
C ALA A 175 -4.42 0.04 21.13
N TRP A 176 -4.00 -0.39 19.96
CA TRP A 176 -4.65 0.05 18.76
C TRP A 176 -6.14 -0.20 18.75
N PRO A 177 -6.59 -1.36 19.18
CA PRO A 177 -8.03 -1.61 19.17
C PRO A 177 -8.79 -0.66 20.06
N LYS A 178 -8.26 -0.33 21.22
CA LYS A 178 -8.99 0.60 22.11
C LYS A 178 -8.96 2.01 21.49
N SER A 179 -7.82 2.40 20.92
CA SER A 179 -7.76 3.67 20.22
C SER A 179 -8.76 3.76 19.03
N ALA A 180 -8.84 2.69 18.26
CA ALA A 180 -9.70 2.68 17.08
C ALA A 180 -11.19 2.70 17.49
N LYS A 181 -11.50 2.03 18.58
CA LYS A 181 -12.90 2.06 19.06
C LYS A 181 -13.28 3.48 19.51
N LEU A 182 -12.34 4.16 20.19
CA LEU A 182 -12.57 5.51 20.60
C LEU A 182 -12.75 6.41 19.40
N LEU A 183 -11.88 6.26 18.38
CA LEU A 183 -12.03 7.06 17.18
C LEU A 183 -13.39 6.89 16.44
N LYS A 184 -13.82 5.65 16.35
CA LYS A 184 -15.03 5.30 15.65
C LYS A 184 -16.21 5.87 16.45
N SER A 185 -16.14 5.81 17.76
CA SER A 185 -17.30 6.34 18.52
C SER A 185 -17.30 7.91 18.43
N LYS A 186 -16.12 8.51 18.32
CA LYS A 186 -16.08 9.97 18.19
C LYS A 186 -16.51 10.58 16.85
N TYR A 187 -16.01 9.99 15.79
CA TYR A 187 -16.19 10.52 14.45
C TYR A 187 -16.95 9.58 13.54
N GLY A 188 -17.78 8.72 14.17
CA GLY A 188 -18.62 7.80 13.45
C GLY A 188 -19.55 8.51 12.47
N LYS A 189 -19.80 9.79 12.67
CA LYS A 189 -20.71 10.49 11.76
C LYS A 189 -19.92 11.16 10.64
N ALA A 190 -18.61 10.92 10.54
CA ALA A 190 -17.85 11.54 9.45
C ALA A 190 -18.48 11.33 8.05
N LYS A 191 -18.47 12.38 7.22
CA LYS A 191 -18.94 12.32 5.87
C LYS A 191 -17.86 11.67 4.99
N LEU A 192 -16.62 12.08 5.23
CA LEU A 192 -15.46 11.56 4.47
C LEU A 192 -14.40 11.29 5.47
N VAL A 193 -13.68 10.21 5.21
CA VAL A 193 -12.48 9.87 5.96
C VAL A 193 -11.34 9.76 4.98
N VAL A 194 -10.21 10.42 5.27
CA VAL A 194 -9.07 10.50 4.35
C VAL A 194 -7.90 9.78 5.01
N PRO A 195 -7.56 8.58 4.50
CA PRO A 195 -6.40 7.85 5.03
C PRO A 195 -5.10 8.36 4.34
N SER A 196 -4.00 8.14 4.99
CA SER A 196 -2.69 8.45 4.35
C SER A 196 -2.38 7.60 3.09
N HIS A 197 -2.69 6.30 3.16
CA HIS A 197 -2.11 5.37 2.19
C HIS A 197 -3.13 4.57 1.31
N SER A 198 -4.38 5.01 1.35
CA SER A 198 -5.44 4.42 0.57
C SER A 198 -6.45 5.49 0.20
N GLU A 199 -7.41 5.16 -0.66
CA GLU A 199 -8.35 6.13 -1.18
C GLU A 199 -9.32 6.68 -0.14
N VAL A 200 -9.83 7.87 -0.40
CA VAL A 200 -10.81 8.51 0.46
C VAL A 200 -12.05 7.61 0.49
N GLY A 201 -12.66 7.54 1.66
CA GLY A 201 -13.81 6.70 1.91
C GLY A 201 -14.78 7.38 2.86
N ASP A 202 -15.88 6.72 3.16
CA ASP A 202 -16.81 7.19 4.19
C ASP A 202 -16.53 6.58 5.56
N ALA A 203 -17.41 6.81 6.52
CA ALA A 203 -17.19 6.42 7.89
C ALA A 203 -16.84 4.95 8.06
N SER A 204 -17.24 4.12 7.11
CA SER A 204 -16.89 2.71 7.13
C SER A 204 -15.37 2.43 7.33
N LEU A 205 -14.50 3.34 6.88
CA LEU A 205 -13.08 3.10 7.10
C LEU A 205 -12.74 3.02 8.57
N LEU A 206 -13.54 3.65 9.43
CA LEU A 206 -13.32 3.58 10.87
C LEU A 206 -13.60 2.17 11.42
N LYS A 207 -14.67 1.55 10.95
CA LYS A 207 -15.01 0.18 11.32
C LYS A 207 -13.99 -0.81 10.85
N LEU A 208 -13.57 -0.65 9.61
CA LEU A 208 -12.55 -1.52 9.05
C LEU A 208 -11.19 -1.41 9.79
N THR A 209 -10.80 -0.20 10.22
CA THR A 209 -9.54 -0.03 10.93
C THR A 209 -9.65 -0.80 12.28
N LEU A 210 -10.78 -0.63 12.96
CA LEU A 210 -11.01 -1.35 14.21
C LEU A 210 -10.87 -2.88 14.00
N GLU A 211 -11.51 -3.39 12.97
CA GLU A 211 -11.46 -4.82 12.69
C GLU A 211 -10.03 -5.27 12.45
N GLN A 212 -9.29 -4.46 11.68
CA GLN A 212 -7.91 -4.82 11.38
C GLN A 212 -7.06 -4.78 12.64
N ALA A 213 -7.30 -3.83 13.55
CA ALA A 213 -6.50 -3.72 14.77
C ALA A 213 -6.78 -4.92 15.65
N VAL A 214 -8.06 -5.26 15.77
CA VAL A 214 -8.46 -6.42 16.54
C VAL A 214 -7.80 -7.68 15.94
N LYS A 215 -7.91 -7.86 14.63
CA LYS A 215 -7.26 -8.98 14.02
C LYS A 215 -5.73 -9.03 14.27
N GLY A 216 -5.08 -7.89 14.19
CA GLY A 216 -3.65 -7.85 14.33
C GLY A 216 -3.21 -8.26 15.73
N LEU A 217 -3.97 -7.83 16.73
CA LEU A 217 -3.68 -8.15 18.12
C LEU A 217 -3.85 -9.63 18.31
N ASN A 218 -4.96 -10.16 17.85
CA ASN A 218 -5.17 -11.63 17.89
C ASN A 218 -4.02 -12.41 17.25
N GLU A 219 -3.64 -12.02 16.04
CA GLU A 219 -2.54 -12.71 15.38
C GLU A 219 -1.22 -12.58 16.15
N SER A 220 -1.11 -11.58 17.01
CA SER A 220 0.14 -11.37 17.73
C SER A 220 0.22 -12.28 18.97
N LYS A 221 -0.88 -12.92 19.30
CA LYS A 221 -0.98 -13.77 20.49
C LYS A 221 -1.13 -15.27 20.17
N LEU B 4 17.40 -9.81 1.38
CA LEU B 4 18.33 -8.98 2.13
C LEU B 4 17.80 -8.66 3.55
N PRO B 5 16.52 -8.25 3.68
CA PRO B 5 15.75 -8.51 4.89
C PRO B 5 15.17 -9.93 4.91
N ASP B 6 14.86 -10.40 6.11
CA ASP B 6 14.31 -11.73 6.28
C ASP B 6 12.94 -11.76 5.70
N LEU B 7 12.53 -12.93 5.33
CA LEU B 7 11.29 -13.03 4.66
C LEU B 7 10.10 -13.12 5.53
N LYS B 8 8.96 -12.77 4.96
CA LYS B 8 7.78 -12.56 5.73
C LYS B 8 6.61 -13.35 5.25
N ILE B 9 5.78 -13.77 6.21
CA ILE B 9 4.59 -14.56 5.91
C ILE B 9 3.47 -14.03 6.79
N GLU B 10 2.29 -13.76 6.22
CA GLU B 10 1.22 -13.20 7.08
C GLU B 10 -0.20 -13.21 6.54
N LYS B 11 -1.12 -13.36 7.50
CA LYS B 11 -2.51 -13.66 7.21
C LYS B 11 -3.26 -12.46 6.70
N LEU B 12 -3.85 -12.62 5.53
CA LEU B 12 -4.54 -11.53 4.86
C LEU B 12 -6.02 -11.71 4.99
N ASP B 13 -6.46 -12.96 5.03
CA ASP B 13 -7.87 -13.26 5.16
C ASP B 13 -7.97 -14.69 5.68
N GLU B 14 -9.20 -15.20 5.82
CA GLU B 14 -9.37 -16.61 6.16
C GLU B 14 -8.84 -17.47 5.03
N GLY B 15 -7.78 -18.22 5.29
CA GLY B 15 -7.26 -19.18 4.33
C GLY B 15 -6.37 -18.57 3.26
N VAL B 16 -5.96 -17.33 3.49
CA VAL B 16 -5.07 -16.62 2.59
C VAL B 16 -3.97 -15.96 3.40
N TYR B 17 -2.75 -16.16 2.92
CA TYR B 17 -1.57 -15.58 3.52
C TYR B 17 -0.75 -14.95 2.42
N VAL B 18 -0.09 -13.86 2.76
CA VAL B 18 0.83 -13.21 1.85
C VAL B 18 2.22 -13.53 2.32
N HIS B 19 3.09 -13.90 1.39
CA HIS B 19 4.49 -14.05 1.68
C HIS B 19 5.20 -12.97 0.91
N THR B 20 6.22 -12.39 1.55
CA THR B 20 7.01 -11.34 0.93
C THR B 20 8.48 -11.67 1.01
N SER B 21 9.15 -11.62 -0.14
CA SER B 21 10.61 -11.72 -0.20
C SER B 21 11.14 -10.42 -0.80
N PHE B 22 12.46 -10.27 -0.79
CA PHE B 22 13.10 -8.98 -1.07
C PHE B 22 14.29 -9.14 -2.00
N GLU B 23 14.50 -8.11 -2.81
CA GLU B 23 15.63 -8.02 -3.73
C GLU B 23 16.09 -6.57 -3.76
N GLU B 24 17.39 -6.35 -3.94
CA GLU B 24 17.91 -5.01 -4.15
C GLU B 24 17.85 -4.72 -5.65
N VAL B 25 17.45 -3.51 -5.99
CA VAL B 25 17.36 -3.13 -7.38
C VAL B 25 18.19 -1.89 -7.56
N ASN B 26 19.04 -1.87 -8.57
CA ASN B 26 19.90 -0.72 -8.70
C ASN B 26 18.98 0.47 -8.88
N GLY B 27 19.19 1.49 -8.06
CA GLY B 27 18.42 2.70 -8.17
C GLY B 27 17.02 2.69 -7.55
N TRP B 28 16.60 1.61 -6.91
CA TRP B 28 15.30 1.68 -6.24
C TRP B 28 15.40 1.03 -4.85
N GLY B 29 16.60 0.56 -4.52
CA GLY B 29 16.84 -0.01 -3.23
C GLY B 29 16.14 -1.35 -3.07
N VAL B 30 15.74 -1.63 -1.85
CA VAL B 30 15.11 -2.88 -1.53
C VAL B 30 13.65 -2.84 -1.97
N VAL B 31 13.31 -3.71 -2.90
CA VAL B 31 11.95 -3.81 -3.39
C VAL B 31 11.32 -5.09 -2.89
N PRO B 32 10.09 -5.01 -2.33
CA PRO B 32 9.38 -6.22 -1.90
C PRO B 32 8.77 -6.95 -3.07
N LYS B 33 8.62 -8.27 -2.94
CA LYS B 33 7.87 -9.09 -3.86
C LYS B 33 6.85 -9.91 -3.10
N HIS B 34 5.57 -9.64 -3.37
CA HIS B 34 4.49 -10.33 -2.66
C HIS B 34 3.94 -11.47 -3.43
N GLY B 35 3.74 -12.58 -2.73
CA GLY B 35 2.99 -13.72 -3.22
C GLY B 35 1.96 -14.14 -2.17
N LEU B 36 1.31 -15.27 -2.45
CA LEU B 36 0.28 -15.80 -1.60
C LEU B 36 0.47 -17.28 -1.33
N VAL B 37 -0.22 -17.74 -0.29
CA VAL B 37 -0.41 -19.16 -0.04
C VAL B 37 -1.88 -19.27 0.27
N VAL B 38 -2.56 -20.16 -0.45
CA VAL B 38 -3.99 -20.34 -0.29
C VAL B 38 -4.27 -21.72 0.34
N LEU B 39 -5.28 -21.75 1.21
CA LEU B 39 -5.59 -22.95 1.96
C LEU B 39 -6.92 -23.53 1.51
N VAL B 40 -6.89 -24.81 1.13
CA VAL B 40 -8.09 -25.60 0.93
C VAL B 40 -7.93 -26.85 1.78
N ASN B 41 -8.80 -27.03 2.76
CA ASN B 41 -8.66 -28.16 3.65
C ASN B 41 -7.27 -28.14 4.28
N ALA B 42 -6.60 -29.28 4.24
CA ALA B 42 -5.25 -29.40 4.78
C ALA B 42 -4.18 -29.16 3.72
N GLU B 43 -4.60 -28.89 2.49
CA GLU B 43 -3.67 -28.70 1.39
C GLU B 43 -3.43 -27.22 1.18
N ALA B 44 -2.16 -26.84 0.96
CA ALA B 44 -1.76 -25.45 0.72
C ALA B 44 -1.22 -25.23 -0.71
N TYR B 45 -1.71 -24.17 -1.35
CA TYR B 45 -1.27 -23.78 -2.68
C TYR B 45 -0.43 -22.49 -2.71
N LEU B 46 0.60 -22.50 -3.54
CA LEU B 46 1.51 -21.35 -3.64
C LEU B 46 1.18 -20.50 -4.86
N ILE B 47 1.02 -19.19 -4.64
CA ILE B 47 0.87 -18.28 -5.76
C ILE B 47 2.17 -17.51 -5.89
N ASP B 48 3.00 -17.96 -6.81
CA ASP B 48 4.29 -17.36 -7.08
C ASP B 48 5.27 -17.91 -6.06
N THR B 49 6.56 -17.70 -6.30
CA THR B 49 7.57 -18.25 -5.42
C THR B 49 8.58 -17.19 -5.05
N PRO B 50 9.20 -17.35 -3.89
CA PRO B 50 10.21 -16.41 -3.42
C PRO B 50 11.41 -16.47 -4.34
N PHE B 51 12.18 -15.40 -4.37
CA PHE B 51 13.30 -15.27 -5.29
C PHE B 51 14.20 -16.50 -5.21
N THR B 52 14.38 -17.04 -4.01
CA THR B 52 15.45 -18.00 -3.77
C THR B 52 14.90 -19.32 -3.28
N ALA B 53 15.70 -20.36 -3.48
CA ALA B 53 15.38 -21.68 -2.99
C ALA B 53 15.36 -21.67 -1.47
N LYS B 54 16.29 -20.96 -0.86
CA LYS B 54 16.34 -20.88 0.60
C LYS B 54 15.02 -20.28 1.11
N ASP B 55 14.58 -19.17 0.52
CA ASP B 55 13.32 -18.56 0.95
C ASP B 55 12.13 -19.49 0.65
N THR B 56 12.18 -20.13 -0.51
CA THR B 56 11.12 -21.06 -0.87
C THR B 56 11.07 -22.23 0.12
N GLU B 57 12.24 -22.65 0.62
CA GLU B 57 12.31 -23.74 1.59
C GLU B 57 11.72 -23.31 2.93
N LYS B 58 12.02 -22.06 3.32
CA LYS B 58 11.52 -21.50 4.56
C LYS B 58 10.01 -21.52 4.52
N LEU B 59 9.48 -21.16 3.34
CA LEU B 59 8.05 -20.98 3.12
C LEU B 59 7.31 -22.29 3.29
N VAL B 60 7.57 -23.21 2.37
CA VAL B 60 6.94 -24.52 2.38
C VAL B 60 6.99 -25.19 3.73
N THR B 61 8.11 -25.02 4.43
CA THR B 61 8.31 -25.64 5.74
C THR B 61 7.39 -25.03 6.79
N TRP B 62 7.31 -23.71 6.78
CA TRP B 62 6.47 -23.01 7.75
C TRP B 62 5.03 -23.55 7.71
N PHE B 63 4.54 -23.93 6.52
CA PHE B 63 3.19 -24.47 6.40
C PHE B 63 3.12 -25.98 6.68
N VAL B 64 4.04 -26.73 6.07
CA VAL B 64 4.23 -28.14 6.41
C VAL B 64 4.14 -28.33 7.92
N GLU B 65 5.02 -27.63 8.64
CA GLU B 65 5.16 -27.80 10.08
C GLU B 65 3.92 -27.37 10.88
N ARG B 66 2.89 -26.90 10.20
CA ARG B 66 1.61 -26.58 10.85
C ARG B 66 0.52 -27.55 10.43
N GLY B 67 0.90 -28.52 9.61
CA GLY B 67 -0.03 -29.52 9.14
C GLY B 67 -0.61 -29.10 7.80
N TYR B 68 0.27 -28.79 6.87
CA TYR B 68 -0.17 -28.51 5.52
C TYR B 68 0.74 -29.19 4.53
N LYS B 69 0.13 -29.84 3.56
CA LYS B 69 0.90 -30.49 2.51
C LYS B 69 0.85 -29.56 1.30
N ILE B 70 2.01 -29.12 0.84
CA ILE B 70 2.03 -28.28 -0.34
C ILE B 70 1.53 -29.12 -1.50
N LYS B 71 0.34 -28.76 -1.99
CA LYS B 71 -0.26 -29.50 -3.08
C LYS B 71 0.22 -28.96 -4.40
N GLY B 72 0.66 -27.71 -4.42
CA GLY B 72 1.14 -27.11 -5.65
C GLY B 72 1.64 -25.67 -5.56
N SER B 73 2.07 -25.15 -6.70
CA SER B 73 2.57 -23.79 -6.81
C SER B 73 2.39 -23.34 -8.24
N ILE B 74 1.73 -22.21 -8.43
CA ILE B 74 1.57 -21.68 -9.77
C ILE B 74 2.36 -20.36 -9.88
N SER B 75 2.86 -20.08 -11.08
CA SER B 75 3.61 -18.87 -11.33
C SER B 75 2.80 -17.93 -12.24
N SER B 76 2.80 -16.64 -11.90
CA SER B 76 1.96 -15.64 -12.59
C SER B 76 2.62 -15.12 -13.87
N HIS B 77 3.94 -15.20 -13.90
CA HIS B 77 4.75 -14.80 -15.04
C HIS B 77 6.16 -15.31 -14.89
N PHE B 78 7.02 -15.09 -15.89
CA PHE B 78 8.26 -15.87 -16.01
C PHE B 78 9.50 -15.27 -15.31
N HIS B 79 9.41 -14.02 -14.85
CA HIS B 79 10.56 -13.41 -14.22
C HIS B 79 10.85 -14.13 -12.91
N SER B 80 12.09 -14.04 -12.47
CA SER B 80 12.57 -14.86 -11.35
C SER B 80 11.87 -14.52 -10.02
N ASP B 81 11.23 -13.35 -9.91
CA ASP B 81 10.55 -13.01 -8.67
C ASP B 81 9.26 -13.82 -8.51
N SER B 82 8.83 -14.48 -9.58
CA SER B 82 7.65 -15.37 -9.51
C SER B 82 8.03 -16.87 -9.60
N THR B 83 9.23 -17.16 -10.10
CA THR B 83 9.58 -18.53 -10.47
C THR B 83 10.89 -19.06 -9.83
N GLY B 84 11.53 -18.19 -9.04
CA GLY B 84 12.82 -18.49 -8.42
C GLY B 84 12.96 -19.85 -7.75
N GLY B 85 11.89 -20.32 -7.10
CA GLY B 85 11.97 -21.52 -6.29
C GLY B 85 11.57 -22.80 -7.00
N ILE B 86 11.15 -22.69 -8.27
CA ILE B 86 10.67 -23.86 -9.01
C ILE B 86 11.66 -25.04 -9.04
N GLU B 87 12.90 -24.77 -9.44
CA GLU B 87 13.94 -25.81 -9.48
C GLU B 87 14.00 -26.53 -8.12
N TRP B 88 13.86 -25.77 -7.05
CA TRP B 88 13.92 -26.38 -5.74
C TRP B 88 12.64 -27.18 -5.49
N LEU B 89 11.49 -26.57 -5.82
CA LEU B 89 10.22 -27.27 -5.72
C LEU B 89 10.25 -28.59 -6.51
N ASN B 90 10.57 -28.50 -7.79
CA ASN B 90 10.65 -29.69 -8.67
C ASN B 90 11.54 -30.77 -8.07
N SER B 91 12.64 -30.34 -7.45
CA SER B 91 13.58 -31.27 -6.83
C SER B 91 12.99 -31.97 -5.61
N ARG B 92 11.77 -31.57 -5.22
CA ARG B 92 11.06 -32.20 -4.11
C ARG B 92 9.75 -32.86 -4.58
N SER B 93 9.51 -32.88 -5.90
CA SER B 93 8.32 -33.50 -6.46
C SER B 93 7.07 -32.84 -5.88
N ILE B 94 7.10 -31.51 -5.83
CA ILE B 94 5.93 -30.67 -5.54
C ILE B 94 5.48 -30.12 -6.88
N PRO B 95 4.22 -30.38 -7.29
CA PRO B 95 3.82 -29.98 -8.64
C PRO B 95 3.99 -28.47 -8.82
N THR B 96 4.55 -28.06 -9.95
CA THR B 96 4.68 -26.63 -10.30
C THR B 96 3.91 -26.39 -11.61
N TYR B 97 3.06 -25.37 -11.60
CA TYR B 97 2.22 -25.02 -12.74
C TYR B 97 2.57 -23.65 -13.30
N ALA B 98 2.45 -23.52 -14.61
CA ALA B 98 2.62 -22.23 -15.27
C ALA B 98 2.10 -22.34 -16.69
N SER B 99 1.62 -21.22 -17.24
CA SER B 99 1.03 -21.24 -18.57
C SER B 99 2.07 -21.62 -19.63
N GLU B 100 1.60 -21.85 -20.86
CA GLU B 100 2.48 -22.27 -21.94
C GLU B 100 3.44 -21.18 -22.35
N LEU B 101 2.95 -19.94 -22.38
CA LEU B 101 3.76 -18.82 -22.82
C LEU B 101 4.88 -18.64 -21.83
N THR B 102 4.55 -18.83 -20.56
CA THR B 102 5.49 -18.68 -19.46
C THR B 102 6.63 -19.72 -19.50
N ASN B 103 6.27 -21.00 -19.57
CA ASN B 103 7.26 -22.08 -19.63
C ASN B 103 8.17 -21.89 -20.83
N GLU B 104 7.59 -21.50 -21.95
CA GLU B 104 8.38 -21.21 -23.13
C GLU B 104 9.42 -20.18 -22.78
N LEU B 105 8.95 -19.03 -22.31
CA LEU B 105 9.82 -17.93 -21.97
C LEU B 105 10.93 -18.37 -21.02
N LEU B 106 10.59 -19.24 -20.07
CA LEU B 106 11.61 -19.74 -19.15
C LEU B 106 12.64 -20.58 -19.93
N LYS B 107 12.16 -21.27 -20.95
CA LYS B 107 13.04 -22.09 -21.77
C LYS B 107 14.09 -21.17 -22.40
N LYS B 108 13.62 -20.25 -23.23
CA LYS B 108 14.49 -19.32 -23.94
C LYS B 108 15.50 -18.65 -23.02
N ASP B 109 15.15 -18.47 -21.76
CA ASP B 109 16.04 -17.86 -20.78
C ASP B 109 16.95 -18.86 -20.04
N GLY B 110 16.81 -20.16 -20.35
CA GLY B 110 17.65 -21.17 -19.74
C GLY B 110 17.34 -21.31 -18.27
N LYS B 111 16.04 -21.31 -17.99
CA LYS B 111 15.52 -21.46 -16.64
C LYS B 111 14.72 -22.75 -16.62
N VAL B 112 14.73 -23.44 -15.48
CA VAL B 112 13.93 -24.65 -15.30
C VAL B 112 12.46 -24.31 -15.49
N GLN B 113 11.75 -25.16 -16.23
CA GLN B 113 10.32 -24.94 -16.45
C GLN B 113 9.49 -25.59 -15.35
N ALA B 114 8.25 -25.12 -15.24
CA ALA B 114 7.27 -25.74 -14.37
C ALA B 114 6.90 -27.06 -14.98
N THR B 115 6.58 -28.04 -14.14
CA THR B 115 6.28 -29.40 -14.56
C THR B 115 4.98 -29.60 -15.34
N ASN B 116 4.05 -28.65 -15.22
CA ASN B 116 2.70 -28.80 -15.77
C ASN B 116 2.29 -27.55 -16.48
N SER B 117 1.33 -27.65 -17.37
CA SER B 117 0.98 -26.47 -18.14
C SER B 117 -0.51 -26.29 -18.34
N PHE B 118 -0.86 -25.11 -18.81
CA PHE B 118 -2.26 -24.80 -19.09
C PHE B 118 -2.31 -23.68 -20.13
N SER B 119 -3.44 -23.53 -20.82
CA SER B 119 -3.53 -22.57 -21.94
C SER B 119 -4.86 -21.80 -22.02
N GLY B 120 -4.87 -20.71 -22.77
CA GLY B 120 -6.08 -19.95 -23.00
C GLY B 120 -6.42 -18.93 -21.92
N VAL B 121 -7.54 -18.25 -22.12
CA VAL B 121 -7.98 -17.17 -21.23
C VAL B 121 -8.30 -17.60 -19.80
N ASN B 122 -8.99 -18.72 -19.64
CA ASN B 122 -9.43 -19.17 -18.32
C ASN B 122 -8.90 -20.54 -17.95
N TYR B 123 -8.36 -20.65 -16.74
CA TYR B 123 -7.92 -21.94 -16.24
C TYR B 123 -8.20 -22.02 -14.75
N TRP B 124 -8.64 -23.18 -14.29
CA TRP B 124 -8.84 -23.37 -12.87
C TRP B 124 -7.78 -24.25 -12.31
N LEU B 125 -7.05 -23.76 -11.32
CA LEU B 125 -6.08 -24.61 -10.62
C LEU B 125 -6.88 -25.51 -9.65
N VAL B 126 -7.87 -24.93 -8.99
CA VAL B 126 -8.76 -25.68 -8.12
C VAL B 126 -10.19 -25.32 -8.46
N LYS B 127 -11.04 -26.32 -8.64
CA LYS B 127 -12.41 -26.01 -9.04
C LYS B 127 -13.10 -25.24 -7.92
N ASN B 128 -13.52 -24.03 -8.28
CA ASN B 128 -14.38 -23.19 -7.47
C ASN B 128 -13.68 -22.50 -6.30
N LYS B 129 -12.37 -22.69 -6.18
CA LYS B 129 -11.60 -22.04 -5.12
C LYS B 129 -10.54 -21.11 -5.68
N ILE B 130 -9.73 -21.64 -6.59
CA ILE B 130 -8.58 -20.92 -7.14
C ILE B 130 -8.63 -20.87 -8.66
N GLU B 131 -8.80 -19.68 -9.22
CA GLU B 131 -8.92 -19.53 -10.66
C GLU B 131 -7.81 -18.67 -11.26
N VAL B 132 -7.43 -18.97 -12.49
CA VAL B 132 -6.42 -18.16 -13.20
C VAL B 132 -7.05 -17.46 -14.40
N PHE B 133 -6.44 -16.37 -14.85
CA PHE B 133 -7.00 -15.63 -15.98
C PHE B 133 -5.97 -14.70 -16.67
N TYR B 134 -6.14 -14.58 -17.98
CA TYR B 134 -5.19 -13.93 -18.87
C TYR B 134 -5.82 -12.70 -19.49
N PRO B 135 -5.43 -11.50 -19.04
CA PRO B 135 -6.06 -10.29 -19.55
C PRO B 135 -5.45 -9.87 -20.86
N GLY B 136 -4.33 -10.50 -21.23
CA GLY B 136 -3.54 -10.14 -22.40
C GLY B 136 -2.19 -9.62 -21.94
N PRO B 137 -1.31 -9.23 -22.90
CA PRO B 137 0.06 -8.80 -22.58
C PRO B 137 0.10 -7.40 -21.94
N GLY B 138 1.06 -7.18 -21.05
CA GLY B 138 1.23 -5.87 -20.41
C GLY B 138 2.66 -5.73 -19.89
N HIS B 139 2.82 -5.93 -18.58
CA HIS B 139 4.15 -6.02 -17.97
C HIS B 139 5.06 -7.10 -18.66
N THR B 140 4.49 -8.25 -19.01
CA THR B 140 5.18 -9.21 -19.87
C THR B 140 4.17 -9.83 -20.82
N PRO B 141 4.63 -10.67 -21.77
CA PRO B 141 3.64 -11.25 -22.69
C PRO B 141 2.79 -12.30 -22.00
N ASP B 142 3.34 -12.93 -20.94
CA ASP B 142 2.75 -14.14 -20.36
C ASP B 142 1.92 -13.89 -19.10
N ASN B 143 1.96 -12.66 -18.58
CA ASN B 143 1.42 -12.40 -17.24
C ASN B 143 -0.01 -12.84 -17.01
N VAL B 144 -0.22 -13.61 -15.95
CA VAL B 144 -1.56 -13.95 -15.54
C VAL B 144 -1.87 -13.44 -14.16
N VAL B 145 -3.16 -13.46 -13.84
CA VAL B 145 -3.66 -13.16 -12.49
C VAL B 145 -4.35 -14.37 -11.86
N VAL B 146 -4.53 -14.32 -10.54
CA VAL B 146 -5.16 -15.41 -9.82
C VAL B 146 -6.35 -14.85 -9.07
N TRP B 147 -7.51 -15.46 -9.27
CA TRP B 147 -8.74 -14.99 -8.63
C TRP B 147 -9.24 -15.98 -7.56
N LEU B 148 -9.50 -15.49 -6.36
CA LEU B 148 -10.06 -16.30 -5.30
C LEU B 148 -11.53 -15.88 -5.14
N PRO B 149 -12.47 -16.70 -5.68
CA PRO B 149 -13.86 -16.27 -5.72
C PRO B 149 -14.55 -16.34 -4.36
N GLU B 150 -14.04 -17.23 -3.50
CA GLU B 150 -14.64 -17.49 -2.20
C GLU B 150 -14.40 -16.32 -1.19
N ARG B 151 -13.35 -15.53 -1.40
CA ARG B 151 -13.14 -14.34 -0.56
C ARG B 151 -12.91 -13.08 -1.40
N LYS B 152 -13.26 -13.15 -2.68
CA LYS B 152 -13.20 -12.01 -3.61
C LYS B 152 -11.84 -11.31 -3.66
N ILE B 153 -10.77 -12.07 -3.54
CA ILE B 153 -9.42 -11.51 -3.56
C ILE B 153 -8.78 -11.80 -4.90
N LEU B 154 -8.20 -10.77 -5.51
CA LEU B 154 -7.50 -10.93 -6.79
C LEU B 154 -6.02 -10.65 -6.62
N PHE B 155 -5.16 -11.56 -7.11
CA PHE B 155 -3.71 -11.36 -7.11
C PHE B 155 -3.30 -10.92 -8.51
N GLY B 156 -2.88 -9.66 -8.64
CA GLY B 156 -2.60 -9.09 -9.96
C GLY B 156 -1.14 -9.15 -10.37
N GLY B 157 -0.28 -9.48 -9.42
CA GLY B 157 1.13 -9.71 -9.68
C GLY B 157 1.81 -8.50 -10.28
N CYS B 158 2.66 -8.75 -11.26
CA CYS B 158 3.48 -7.67 -11.79
C CYS B 158 2.74 -6.84 -12.82
N PHE B 159 1.52 -7.26 -13.16
CA PHE B 159 0.67 -6.48 -14.07
C PHE B 159 0.07 -5.23 -13.39
N ILE B 160 -0.11 -5.29 -12.08
CA ILE B 160 -0.67 -4.17 -11.35
C ILE B 160 0.44 -3.17 -11.08
N LYS B 161 0.33 -2.01 -11.75
CA LYS B 161 1.30 -0.92 -11.68
C LYS B 161 0.56 0.43 -11.50
N PRO B 162 0.08 0.71 -10.30
CA PRO B 162 -0.75 1.90 -10.19
C PRO B 162 0.00 3.23 -10.16
N TYR B 163 1.31 3.23 -9.99
CA TYR B 163 2.09 4.46 -9.84
C TYR B 163 3.24 4.58 -10.83
N GLY B 164 3.10 3.94 -11.97
CA GLY B 164 4.14 3.98 -13.00
C GLY B 164 4.40 2.56 -13.45
N LEU B 165 4.83 2.37 -14.68
CA LEU B 165 4.86 1.03 -15.26
C LEU B 165 6.13 0.24 -14.99
N GLY B 166 7.18 0.92 -14.58
CA GLY B 166 8.41 0.24 -14.21
C GLY B 166 9.23 -0.19 -15.41
N ASN B 167 10.06 -1.22 -15.21
CA ASN B 167 10.96 -1.68 -16.28
C ASN B 167 10.16 -2.23 -17.43
N LEU B 168 10.41 -1.66 -18.60
CA LEU B 168 9.67 -2.02 -19.80
C LEU B 168 10.43 -2.99 -20.69
N GLY B 169 11.41 -3.68 -20.10
CA GLY B 169 12.27 -4.60 -20.83
C GLY B 169 11.51 -5.57 -21.69
N ASP B 170 10.50 -6.19 -21.08
CA ASP B 170 9.76 -7.26 -21.76
C ASP B 170 8.30 -6.90 -21.89
N ALA B 171 8.00 -5.61 -21.84
CA ALA B 171 6.62 -5.15 -21.78
C ALA B 171 6.04 -4.83 -23.16
N ASN B 172 4.73 -4.75 -23.20
CA ASN B 172 4.01 -4.50 -24.40
C ASN B 172 3.14 -3.30 -24.20
N ILE B 173 3.65 -2.15 -24.60
CA ILE B 173 3.00 -0.87 -24.35
C ILE B 173 1.70 -0.71 -25.04
N GLU B 174 1.61 -1.21 -26.26
CA GLU B 174 0.44 -0.96 -27.06
C GLU B 174 -0.74 -1.80 -26.60
N ALA B 175 -0.47 -2.94 -26.01
CA ALA B 175 -1.54 -3.82 -25.56
C ALA B 175 -1.93 -3.65 -24.09
N TRP B 176 -1.07 -2.99 -23.30
CA TRP B 176 -1.32 -2.90 -21.86
C TRP B 176 -2.66 -2.23 -21.57
N PRO B 177 -2.97 -1.11 -22.25
CA PRO B 177 -4.26 -0.48 -21.95
C PRO B 177 -5.44 -1.41 -22.19
N LYS B 178 -5.44 -2.13 -23.33
CA LYS B 178 -6.46 -3.11 -23.63
C LYS B 178 -6.54 -4.18 -22.56
N SER B 179 -5.40 -4.77 -22.20
CA SER B 179 -5.41 -5.84 -21.21
C SER B 179 -5.87 -5.34 -19.85
N ALA B 180 -5.46 -4.14 -19.46
CA ALA B 180 -5.88 -3.58 -18.17
C ALA B 180 -7.36 -3.21 -18.14
N LYS B 181 -7.87 -2.67 -19.24
CA LYS B 181 -9.29 -2.33 -19.34
C LYS B 181 -10.11 -3.61 -19.22
N LEU B 182 -9.60 -4.69 -19.79
CA LEU B 182 -10.24 -6.00 -19.73
C LEU B 182 -10.25 -6.48 -18.28
N LEU B 183 -9.14 -6.29 -17.58
CA LEU B 183 -9.04 -6.75 -16.21
C LEU B 183 -10.05 -5.98 -15.36
N LYS B 184 -10.18 -4.69 -15.63
CA LYS B 184 -11.04 -3.84 -14.80
C LYS B 184 -12.50 -4.30 -14.90
N SER B 185 -12.90 -4.66 -16.11
CA SER B 185 -14.26 -5.10 -16.37
C SER B 185 -14.57 -6.40 -15.64
N LYS B 186 -13.59 -7.30 -15.59
CA LYS B 186 -13.81 -8.63 -15.04
C LYS B 186 -13.82 -8.64 -13.49
N TYR B 187 -12.91 -7.90 -12.88
CA TYR B 187 -12.75 -7.96 -11.42
C TYR B 187 -13.07 -6.65 -10.70
N GLY B 188 -13.95 -5.83 -11.28
CA GLY B 188 -14.32 -4.55 -10.68
C GLY B 188 -14.94 -4.67 -9.31
N LYS B 189 -15.13 -5.90 -8.84
CA LYS B 189 -15.82 -6.16 -7.57
C LYS B 189 -14.93 -6.94 -6.60
N ALA B 190 -13.62 -6.97 -6.88
CA ALA B 190 -12.70 -7.55 -5.93
C ALA B 190 -12.80 -6.69 -4.67
N LYS B 191 -12.70 -7.32 -3.52
CA LYS B 191 -12.61 -6.56 -2.28
C LYS B 191 -11.17 -6.07 -2.13
N LEU B 192 -10.23 -6.96 -2.47
CA LEU B 192 -8.81 -6.72 -2.37
C LEU B 192 -8.08 -7.06 -3.67
N VAL B 193 -7.17 -6.18 -4.04
CA VAL B 193 -6.32 -6.41 -5.17
C VAL B 193 -4.91 -6.39 -4.62
N VAL B 194 -4.18 -7.47 -4.90
CA VAL B 194 -2.85 -7.68 -4.35
C VAL B 194 -1.81 -7.55 -5.46
N PRO B 195 -1.04 -6.46 -5.48
CA PRO B 195 0.00 -6.34 -6.50
C PRO B 195 1.28 -7.02 -6.01
N SER B 196 2.25 -7.20 -6.89
CA SER B 196 3.52 -7.79 -6.50
C SER B 196 4.49 -6.87 -5.75
N HIS B 197 4.51 -5.56 -6.07
CA HIS B 197 5.60 -4.71 -5.64
C HIS B 197 5.16 -3.45 -4.88
N SER B 198 4.00 -3.49 -4.28
CA SER B 198 3.45 -2.34 -3.61
C SER B 198 2.31 -2.87 -2.79
N GLU B 199 1.66 -2.02 -2.02
CA GLU B 199 0.75 -2.50 -1.01
C GLU B 199 -0.61 -2.90 -1.52
N VAL B 200 -1.22 -3.77 -0.77
CA VAL B 200 -2.55 -4.25 -1.08
C VAL B 200 -3.50 -3.08 -1.06
N GLY B 201 -4.38 -3.07 -2.05
CA GLY B 201 -5.36 -2.03 -2.28
C GLY B 201 -6.68 -2.69 -2.61
N ASP B 202 -7.72 -1.89 -2.75
CA ASP B 202 -8.99 -2.40 -3.20
C ASP B 202 -9.04 -2.26 -4.71
N ALA B 203 -10.25 -2.30 -5.27
CA ALA B 203 -10.40 -2.36 -6.72
C ALA B 203 -9.79 -1.14 -7.40
N SER B 204 -9.81 0.00 -6.72
CA SER B 204 -9.33 1.24 -7.30
C SER B 204 -7.97 1.07 -8.03
N LEU B 205 -7.22 0.05 -7.63
CA LEU B 205 -5.89 -0.19 -8.23
C LEU B 205 -5.97 -0.56 -9.72
N LEU B 206 -7.11 -1.11 -10.14
CA LEU B 206 -7.30 -1.50 -11.53
C LEU B 206 -7.47 -0.26 -12.38
N LYS B 207 -8.21 0.71 -11.84
CA LYS B 207 -8.35 2.00 -12.50
C LYS B 207 -6.99 2.66 -12.60
N LEU B 208 -6.23 2.64 -11.53
CA LEU B 208 -4.94 3.31 -11.54
C LEU B 208 -3.98 2.61 -12.50
N THR B 209 -4.05 1.28 -12.53
CA THR B 209 -3.17 0.52 -13.42
C THR B 209 -3.53 0.92 -14.83
N LEU B 210 -4.83 1.02 -15.09
CA LEU B 210 -5.28 1.35 -16.42
C LEU B 210 -4.85 2.76 -16.85
N GLU B 211 -5.00 3.71 -15.96
CA GLU B 211 -4.68 5.11 -16.26
C GLU B 211 -3.18 5.27 -16.56
N GLN B 212 -2.37 4.51 -15.83
CA GLN B 212 -0.94 4.48 -16.07
C GLN B 212 -0.62 3.86 -17.43
N ALA B 213 -1.33 2.80 -17.78
CA ALA B 213 -1.09 2.13 -19.05
C ALA B 213 -1.38 3.11 -20.19
N VAL B 214 -2.52 3.77 -20.10
CA VAL B 214 -2.88 4.74 -21.11
C VAL B 214 -1.80 5.83 -21.20
N LYS B 215 -1.28 6.28 -20.06
CA LYS B 215 -0.31 7.38 -20.06
C LYS B 215 0.99 6.95 -20.71
N GLY B 216 1.44 5.76 -20.36
CA GLY B 216 2.66 5.20 -20.93
C GLY B 216 2.66 5.15 -22.43
N LEU B 217 1.58 4.63 -23.00
CA LEU B 217 1.45 4.55 -24.45
C LEU B 217 1.40 5.92 -25.11
N ASN B 218 0.68 6.85 -24.50
CA ASN B 218 0.52 8.18 -25.07
C ASN B 218 1.86 8.88 -25.18
N GLU B 219 2.65 8.74 -24.13
CA GLU B 219 3.95 9.38 -24.07
C GLU B 219 4.90 8.88 -25.15
N SER B 220 4.87 7.58 -25.40
CA SER B 220 5.79 6.97 -26.35
C SER B 220 5.37 7.23 -27.79
ZN ZN C . 3.84 6.14 9.93
ZN ZN D . 2.29 6.80 6.66
O2 MCO E . 1.69 1.47 7.05
C9 MCO E . 1.97 1.30 5.82
O3 MCO E . 1.12 1.34 4.93
C8 MCO E . 3.35 1.08 5.46
C7 MCO E . 3.34 0.49 4.08
C6 MCO E . 3.09 1.66 3.19
C5 MCO E . 3.52 2.85 3.98
N MCO E . 3.95 2.35 5.25
C4 MCO E . 4.83 3.05 6.18
O1 MCO E . 5.13 2.56 7.22
C2 MCO E . 5.37 4.39 5.80
C3 MCO E . 6.82 4.19 5.36
C1 MCO E . 5.33 5.31 6.98
S MCO E . 3.68 5.32 7.73
S SO4 F . -13.27 24.90 6.05
O1 SO4 F . -12.57 23.66 5.78
O2 SO4 F . -14.44 24.40 6.77
O3 SO4 F . -12.61 25.87 6.99
O4 SO4 F . -13.43 25.54 4.70
S SO4 G . -19.52 27.42 5.96
O1 SO4 G . -18.19 27.46 5.19
O2 SO4 G . -19.29 27.51 7.46
O3 SO4 G . -20.23 28.65 5.64
O4 SO4 G . -20.20 26.12 5.58
ZN ZN H . 7.72 -8.46 -10.50
ZN ZN I . 8.19 -9.21 -13.94
#